data_2XWL
#
_entry.id   2XWL
#
_cell.length_a   45.330
_cell.length_b   72.980
_cell.length_c   117.180
_cell.angle_alpha   90.00
_cell.angle_beta   90.00
_cell.angle_gamma   90.00
#
_symmetry.space_group_name_H-M   'P 21 21 21'
#
loop_
_entity.id
_entity.type
_entity.pdbx_description
1 polymer '2-C-METHYL-D-ERYTHRITOL 4-PHOSPHATE CYTIDYLYLTRANSFERASE'
2 non-polymer 'MAGNESIUM ION'
3 non-polymer "CYTIDINE-5'-TRIPHOSPHATE"
4 water water
#
_entity_poly.entity_id   1
_entity_poly.type   'polypeptide(L)'
_entity_poly.pdbx_seq_one_letter_code
;MATVAVVPAAGSGERLRAGRPKAFVTLGGTPLLEHALSGLRASGVIDRIVIAVPPALTDESKLVFGGEDSVIVSGGVDRT
ESVALALEAAGDAEFVLVHDAARALTPPALIARVVAALKEGHSAVVPGLAPADTIKAVDANGAVLGTPERAGLRAVQTPQ
GFHADVLRRAYARATAGGVTDDASLVEQLGTPVQIVDGDPLAFKITTPLDLVLAEAVLAHHHH
;
_entity_poly.pdbx_strand_id   A,B
#
loop_
_chem_comp.id
_chem_comp.type
_chem_comp.name
_chem_comp.formula
CTP non-polymer CYTIDINE-5'-TRIPHOSPHATE 'C9 H16 N3 O14 P3'
MG non-polymer 'MAGNESIUM ION' 'Mg 2'
#
# COMPACT_ATOMS: atom_id res chain seq x y z
N ALA A 2 -31.64 -3.92 -8.17
CA ALA A 2 -31.38 -2.96 -7.08
C ALA A 2 -30.16 -3.42 -6.32
N THR A 3 -29.55 -2.48 -5.60
CA THR A 3 -28.31 -2.72 -4.89
C THR A 3 -28.43 -2.18 -3.50
N VAL A 4 -28.06 -3.01 -2.53
CA VAL A 4 -27.94 -2.58 -1.13
C VAL A 4 -26.47 -2.53 -0.74
N ALA A 5 -26.07 -1.46 -0.05
CA ALA A 5 -24.71 -1.37 0.48
C ALA A 5 -24.75 -1.71 1.96
N VAL A 6 -23.90 -2.64 2.37
CA VAL A 6 -23.65 -2.94 3.79
C VAL A 6 -22.35 -2.25 4.16
N VAL A 7 -22.42 -1.42 5.19
CA VAL A 7 -21.27 -0.60 5.64
C VAL A 7 -20.86 -1.00 7.05
N PRO A 8 -19.80 -1.81 7.18
CA PRO A 8 -19.28 -2.11 8.51
C PRO A 8 -18.61 -0.86 9.07
N ALA A 9 -19.18 -0.35 10.16
CA ALA A 9 -18.66 0.87 10.78
C ALA A 9 -18.61 0.68 12.29
N ALA A 10 -18.51 -0.58 12.73
CA ALA A 10 -18.66 -0.91 14.15
C ALA A 10 -17.37 -1.18 14.90
N GLY A 11 -16.24 -0.95 14.27
CA GLY A 11 -14.95 -1.16 14.92
C GLY A 11 -14.57 -0.06 15.89
N SER A 12 -13.58 -0.36 16.71
CA SER A 12 -13.20 0.56 17.77
C SER A 12 -12.12 1.58 17.37
N GLY A 13 -11.53 1.43 16.19
CA GLY A 13 -10.50 2.36 15.73
C GLY A 13 -9.26 2.42 16.61
N GLU A 14 -8.84 1.26 17.13
CA GLU A 14 -7.68 1.21 18.03
C GLU A 14 -6.44 1.86 17.40
N ARG A 15 -6.18 1.52 16.15
CA ARG A 15 -4.97 1.98 15.48
C ARG A 15 -5.04 3.46 15.08
N LEU A 16 -6.24 4.04 15.09
CA LEU A 16 -6.36 5.46 14.75
C LEU A 16 -6.07 6.37 15.93
N ARG A 17 -6.15 5.82 17.13
CA ARG A 17 -5.63 6.47 18.35
C ARG A 17 -6.37 7.74 18.77
N ALA A 18 -7.62 7.87 18.34
CA ALA A 18 -8.39 9.09 18.57
C ALA A 18 -9.37 9.01 19.77
N GLY A 19 -9.41 7.85 20.43
CA GLY A 19 -10.21 7.70 21.64
C GLY A 19 -11.69 7.61 21.38
N ARG A 20 -12.06 7.27 20.14
CA ARG A 20 -13.45 7.05 19.78
C ARG A 20 -13.48 6.06 18.61
N PRO A 21 -14.64 5.45 18.33
CA PRO A 21 -14.69 4.53 17.18
C PRO A 21 -14.34 5.26 15.90
N LYS A 22 -13.57 4.60 15.04
CA LYS A 22 -13.01 5.29 13.88
C LYS A 22 -14.04 5.90 12.93
N ALA A 23 -15.22 5.29 12.83
CA ALA A 23 -16.24 5.82 11.95
C ALA A 23 -16.68 7.25 12.30
N PHE A 24 -16.39 7.66 13.53
CA PHE A 24 -16.87 8.94 14.04
C PHE A 24 -15.74 9.95 14.24
N VAL A 25 -14.53 9.58 13.81
CA VAL A 25 -13.44 10.55 13.66
C VAL A 25 -13.70 11.39 12.41
N THR A 26 -13.38 12.69 12.47
CA THR A 26 -13.68 13.58 11.35
C THR A 26 -12.57 13.73 10.35
N LEU A 27 -12.99 14.04 9.12
CA LEU A 27 -12.12 14.32 8.01
C LEU A 27 -12.69 15.59 7.41
N GLY A 28 -11.90 16.65 7.41
CA GLY A 28 -12.41 17.95 7.00
C GLY A 28 -13.65 18.37 7.78
N GLY A 29 -13.73 17.93 9.04
CA GLY A 29 -14.82 18.30 9.94
C GLY A 29 -16.06 17.44 9.89
N THR A 30 -16.04 16.40 9.04
CA THR A 30 -17.19 15.51 8.81
C THR A 30 -16.77 14.08 9.16
N PRO A 31 -17.61 13.33 9.93
CA PRO A 31 -17.16 11.98 10.33
C PRO A 31 -16.90 11.08 9.13
N LEU A 32 -15.96 10.16 9.28
CA LEU A 32 -15.62 9.23 8.20
C LEU A 32 -16.86 8.54 7.68
N LEU A 33 -17.74 8.12 8.58
CA LEU A 33 -18.96 7.44 8.15
C LEU A 33 -19.76 8.29 7.19
N GLU A 34 -19.89 9.58 7.48
CA GLU A 34 -20.68 10.45 6.60
C GLU A 34 -20.03 10.57 5.23
N HIS A 35 -18.71 10.63 5.18
CA HIS A 35 -18.00 10.61 3.89
C HIS A 35 -18.31 9.34 3.10
N ALA A 36 -18.26 8.19 3.77
CA ALA A 36 -18.52 6.93 3.10
C ALA A 36 -19.95 6.88 2.59
N LEU A 37 -20.89 7.35 3.41
CA LEU A 37 -22.29 7.37 3.00
C LEU A 37 -22.50 8.31 1.83
N SER A 38 -21.84 9.47 1.86
N SER A 38 -21.84 9.48 1.85
CA SER A 38 -21.97 10.45 0.78
CA SER A 38 -21.99 10.45 0.77
C SER A 38 -21.49 9.87 -0.54
C SER A 38 -21.47 9.89 -0.55
N GLY A 39 -20.39 9.12 -0.51
CA GLY A 39 -19.84 8.50 -1.73
C GLY A 39 -20.85 7.51 -2.31
N LEU A 40 -21.43 6.71 -1.42
CA LEU A 40 -22.45 5.76 -1.83
C LEU A 40 -23.67 6.44 -2.45
N ARG A 41 -24.17 7.48 -1.79
CA ARG A 41 -25.34 8.21 -2.31
C ARG A 41 -24.99 8.91 -3.64
N ALA A 42 -23.79 9.50 -3.73
CA ALA A 42 -23.38 10.23 -4.94
C ALA A 42 -23.19 9.32 -6.13
N SER A 43 -22.95 8.03 -5.91
CA SER A 43 -22.76 7.11 -7.01
C SER A 43 -24.02 6.96 -7.83
N GLY A 44 -25.17 7.16 -7.20
CA GLY A 44 -26.44 7.02 -7.89
C GLY A 44 -26.89 5.60 -8.17
N VAL A 45 -26.15 4.60 -7.70
CA VAL A 45 -26.47 3.18 -7.97
C VAL A 45 -26.85 2.37 -6.74
N ILE A 46 -26.98 3.05 -5.62
CA ILE A 46 -27.30 2.39 -4.33
C ILE A 46 -28.71 2.72 -3.91
N ASP A 47 -29.52 1.67 -3.72
CA ASP A 47 -30.93 1.84 -3.38
C ASP A 47 -31.19 1.87 -1.88
N ARG A 48 -30.30 1.24 -1.12
CA ARG A 48 -30.50 1.05 0.32
C ARG A 48 -29.13 0.91 0.95
N ILE A 49 -28.98 1.44 2.16
CA ILE A 49 -27.75 1.28 2.93
C ILE A 49 -28.08 0.69 4.29
N VAL A 50 -27.29 -0.30 4.73
CA VAL A 50 -27.34 -0.81 6.10
C VAL A 50 -25.98 -0.57 6.75
N ILE A 51 -25.98 0.11 7.90
CA ILE A 51 -24.76 0.49 8.59
C ILE A 51 -24.69 -0.27 9.90
N ALA A 52 -23.60 -1.01 10.13
CA ALA A 52 -23.37 -1.63 11.44
C ALA A 52 -22.53 -0.68 12.28
N VAL A 53 -23.02 -0.33 13.46
CA VAL A 53 -22.31 0.60 14.36
C VAL A 53 -21.94 -0.06 15.68
N PRO A 54 -21.01 0.52 16.46
CA PRO A 54 -20.75 -0.11 17.76
C PRO A 54 -22.05 -0.20 18.56
N PRO A 55 -22.29 -1.34 19.22
CA PRO A 55 -23.57 -1.61 19.86
C PRO A 55 -24.07 -0.53 20.80
N ALA A 56 -23.18 0.05 21.60
CA ALA A 56 -23.61 1.08 22.54
C ALA A 56 -24.15 2.33 21.84
N LEU A 57 -23.75 2.51 20.58
CA LEU A 57 -24.10 3.69 19.82
C LEU A 57 -25.27 3.52 18.87
N THR A 58 -25.94 2.37 18.95
CA THR A 58 -27.02 2.06 18.03
C THR A 58 -28.16 3.06 18.12
N ASP A 59 -28.64 3.33 19.34
CA ASP A 59 -29.79 4.22 19.49
C ASP A 59 -29.51 5.65 19.03
N GLU A 60 -28.37 6.18 19.45
CA GLU A 60 -27.94 7.50 19.02
C GLU A 60 -27.71 7.54 17.50
N SER A 61 -27.17 6.46 16.96
CA SER A 61 -26.88 6.41 15.52
C SER A 61 -28.15 6.37 14.68
N LYS A 62 -29.19 5.69 15.18
CA LYS A 62 -30.49 5.67 14.51
C LYS A 62 -31.04 7.09 14.37
N LEU A 63 -30.77 7.93 15.37
CA LEU A 63 -31.22 9.33 15.34
C LEU A 63 -30.40 10.22 14.39
N VAL A 64 -29.08 10.02 14.34
CA VAL A 64 -28.17 10.87 13.56
C VAL A 64 -28.07 10.45 12.09
N PHE A 65 -27.88 9.15 11.85
CA PHE A 65 -27.62 8.63 10.50
C PHE A 65 -28.81 7.86 9.92
N GLY A 66 -29.81 7.58 10.75
CA GLY A 66 -30.91 6.69 10.38
C GLY A 66 -31.97 7.29 9.49
N GLY A 67 -32.62 6.44 8.70
CA GLY A 67 -33.67 6.87 7.77
C GLY A 67 -34.28 5.72 7.00
N GLU A 68 -35.28 6.05 6.18
CA GLU A 68 -36.01 5.05 5.40
C GLU A 68 -35.08 4.10 4.65
N ASP A 69 -34.24 4.64 3.78
CA ASP A 69 -33.35 3.77 3.01
C ASP A 69 -31.98 3.60 3.66
N SER A 70 -31.90 3.90 4.96
CA SER A 70 -30.62 4.02 5.66
C SER A 70 -30.71 3.41 7.07
N VAL A 71 -30.48 2.10 7.15
CA VAL A 71 -30.84 1.33 8.34
C VAL A 71 -29.62 1.09 9.23
N ILE A 72 -29.76 1.36 10.52
CA ILE A 72 -28.70 1.13 11.49
C ILE A 72 -28.92 -0.17 12.20
N VAL A 73 -27.87 -0.99 12.28
CA VAL A 73 -27.89 -2.18 13.13
C VAL A 73 -26.72 -2.15 14.09
N SER A 74 -26.88 -2.82 15.23
N SER A 74 -26.88 -2.83 15.22
CA SER A 74 -25.78 -3.07 16.13
CA SER A 74 -25.82 -3.04 16.20
C SER A 74 -24.80 -3.98 15.44
C SER A 74 -24.80 -4.04 15.64
N GLY A 75 -23.52 -3.65 15.60
CA GLY A 75 -22.48 -4.46 15.00
C GLY A 75 -22.02 -5.60 15.89
N GLY A 76 -21.00 -6.29 15.45
CA GLY A 76 -20.53 -7.49 16.14
C GLY A 76 -19.14 -7.38 16.72
N VAL A 77 -18.66 -8.49 17.28
N VAL A 77 -18.63 -8.49 17.26
CA VAL A 77 -17.35 -8.49 17.93
CA VAL A 77 -17.31 -8.48 17.94
C VAL A 77 -16.22 -8.22 16.93
C VAL A 77 -16.12 -8.45 16.97
N ASP A 78 -16.39 -8.71 15.71
CA ASP A 78 -15.42 -8.51 14.64
C ASP A 78 -16.15 -8.12 13.38
N ARG A 79 -15.40 -7.78 12.33
CA ARG A 79 -15.98 -7.29 11.08
C ARG A 79 -16.92 -8.31 10.47
N THR A 80 -16.53 -9.59 10.53
CA THR A 80 -17.33 -10.65 9.94
C THR A 80 -18.73 -10.72 10.61
N GLU A 81 -18.76 -10.64 11.93
CA GLU A 81 -20.02 -10.61 12.63
C GLU A 81 -20.84 -9.37 12.28
N SER A 82 -20.17 -8.21 12.20
CA SER A 82 -20.89 -6.98 11.82
C SER A 82 -21.53 -7.10 10.44
N VAL A 83 -20.82 -7.68 9.49
CA VAL A 83 -21.38 -7.87 8.14
C VAL A 83 -22.56 -8.85 8.20
N ALA A 84 -22.41 -9.96 8.92
CA ALA A 84 -23.49 -10.95 9.09
C ALA A 84 -24.76 -10.32 9.67
N LEU A 85 -24.60 -9.50 10.70
CA LEU A 85 -25.75 -8.83 11.30
C LEU A 85 -26.42 -7.85 10.34
N ALA A 86 -25.60 -7.09 9.62
CA ALA A 86 -26.11 -6.13 8.66
C ALA A 86 -26.84 -6.83 7.51
N LEU A 87 -26.37 -8.02 7.11
CA LEU A 87 -27.05 -8.79 6.05
C LEU A 87 -28.49 -9.14 6.40
N GLU A 88 -28.79 -9.32 7.70
CA GLU A 88 -30.18 -9.57 8.13
C GLU A 88 -31.12 -8.44 7.71
N ALA A 89 -30.58 -7.23 7.59
CA ALA A 89 -31.37 -6.04 7.20
C ALA A 89 -31.24 -5.68 5.73
N ALA A 90 -30.54 -6.50 4.95
CA ALA A 90 -30.25 -6.14 3.55
C ALA A 90 -31.48 -6.06 2.67
N GLY A 91 -32.49 -6.85 2.99
CA GLY A 91 -33.71 -6.86 2.19
C GLY A 91 -33.57 -7.64 0.90
N ASP A 92 -34.36 -7.25 -0.12
CA ASP A 92 -34.46 -8.05 -1.34
C ASP A 92 -33.59 -7.64 -2.54
N ALA A 93 -32.65 -6.70 -2.36
CA ALA A 93 -31.81 -6.28 -3.48
C ALA A 93 -31.06 -7.45 -4.08
N GLU A 94 -30.96 -7.47 -5.39
CA GLU A 94 -30.28 -8.57 -6.06
C GLU A 94 -28.76 -8.50 -5.87
N PHE A 95 -28.24 -7.30 -5.60
CA PHE A 95 -26.81 -7.11 -5.43
C PHE A 95 -26.54 -6.50 -4.06
N VAL A 96 -25.45 -6.96 -3.43
CA VAL A 96 -24.99 -6.40 -2.16
C VAL A 96 -23.55 -5.95 -2.33
N LEU A 97 -23.27 -4.72 -1.94
CA LEU A 97 -21.90 -4.20 -1.88
C LEU A 97 -21.52 -4.08 -0.43
N VAL A 98 -20.38 -4.63 -0.06
CA VAL A 98 -19.88 -4.49 1.32
C VAL A 98 -18.75 -3.47 1.28
N HIS A 99 -18.93 -2.39 2.01
CA HIS A 99 -18.04 -1.24 1.87
C HIS A 99 -17.59 -0.74 3.24
N ASP A 100 -16.28 -0.77 3.47
CA ASP A 100 -15.74 -0.30 4.73
C ASP A 100 -15.93 1.20 4.93
N ALA A 101 -16.50 1.62 6.05
CA ALA A 101 -16.59 3.05 6.35
C ALA A 101 -15.22 3.72 6.34
N ALA A 102 -14.17 2.95 6.67
CA ALA A 102 -12.81 3.45 6.74
C ALA A 102 -12.22 3.89 5.40
N ARG A 103 -12.80 3.41 4.30
CA ARG A 103 -12.37 3.82 2.96
C ARG A 103 -13.22 5.04 2.56
N ALA A 104 -13.06 6.10 3.34
CA ALA A 104 -13.99 7.22 3.33
C ALA A 104 -13.97 8.06 2.06
N LEU A 105 -12.82 8.07 1.37
CA LEU A 105 -12.66 8.89 0.17
C LEU A 105 -12.84 8.10 -1.12
N THR A 106 -13.39 6.89 -1.00
CA THR A 106 -13.70 6.09 -2.18
C THR A 106 -14.52 6.91 -3.19
N PRO A 107 -14.03 7.04 -4.44
CA PRO A 107 -14.80 7.82 -5.40
C PRO A 107 -16.13 7.13 -5.77
N PRO A 108 -17.19 7.93 -5.92
CA PRO A 108 -18.44 7.37 -6.43
C PRO A 108 -18.24 6.59 -7.73
N ALA A 109 -17.28 7.00 -8.57
CA ALA A 109 -16.98 6.28 -9.82
C ALA A 109 -16.68 4.81 -9.56
N LEU A 110 -15.94 4.51 -8.48
CA LEU A 110 -15.54 3.13 -8.23
C LEU A 110 -16.76 2.31 -7.87
N ILE A 111 -17.63 2.88 -7.03
CA ILE A 111 -18.86 2.24 -6.64
C ILE A 111 -19.71 1.90 -7.87
N ALA A 112 -19.80 2.87 -8.78
CA ALA A 112 -20.56 2.66 -10.01
C ALA A 112 -20.00 1.56 -10.89
N ARG A 113 -18.67 1.45 -10.93
CA ARG A 113 -18.03 0.43 -11.73
C ARG A 113 -18.27 -0.96 -11.16
N VAL A 114 -18.27 -1.07 -9.83
CA VAL A 114 -18.50 -2.37 -9.19
C VAL A 114 -19.94 -2.84 -9.48
N VAL A 115 -20.91 -1.96 -9.33
CA VAL A 115 -22.30 -2.33 -9.65
C VAL A 115 -22.42 -2.69 -11.14
N ALA A 116 -21.77 -1.95 -12.02
CA ALA A 116 -21.89 -2.23 -13.45
C ALA A 116 -21.39 -3.61 -13.79
N ALA A 117 -20.31 -4.06 -13.12
CA ALA A 117 -19.76 -5.37 -13.41
C ALA A 117 -20.68 -6.49 -12.89
N LEU A 118 -21.35 -6.25 -11.76
CA LEU A 118 -22.38 -7.19 -11.32
C LEU A 118 -23.52 -7.27 -12.30
N LYS A 119 -23.98 -6.12 -12.78
CA LYS A 119 -25.14 -6.09 -13.66
C LYS A 119 -24.81 -6.78 -14.98
N GLU A 120 -23.57 -6.67 -15.43
CA GLU A 120 -23.04 -7.35 -16.62
C GLU A 120 -23.14 -8.87 -16.52
N GLY A 121 -23.07 -9.39 -15.29
CA GLY A 121 -23.24 -10.81 -15.07
C GLY A 121 -22.26 -11.48 -14.13
N HIS A 122 -21.24 -10.76 -13.67
CA HIS A 122 -20.33 -11.32 -12.66
C HIS A 122 -21.03 -11.49 -11.33
N SER A 123 -20.75 -12.58 -10.63
CA SER A 123 -21.38 -12.90 -9.36
C SER A 123 -20.65 -12.27 -8.17
N ALA A 124 -19.38 -11.91 -8.39
CA ALA A 124 -18.55 -11.38 -7.31
C ALA A 124 -17.50 -10.50 -7.97
N VAL A 125 -17.41 -9.27 -7.48
CA VAL A 125 -16.61 -8.23 -8.11
C VAL A 125 -15.85 -7.48 -7.04
N VAL A 126 -14.54 -7.41 -7.21
CA VAL A 126 -13.69 -6.78 -6.20
C VAL A 126 -12.76 -5.78 -6.88
N PRO A 127 -12.68 -4.53 -6.37
CA PRO A 127 -11.72 -3.58 -6.93
C PRO A 127 -10.30 -3.93 -6.51
N GLY A 128 -9.34 -3.77 -7.42
CA GLY A 128 -7.96 -4.05 -7.09
C GLY A 128 -6.99 -3.24 -7.92
N LEU A 129 -5.81 -3.07 -7.36
CA LEU A 129 -4.74 -2.33 -8.02
C LEU A 129 -3.45 -3.12 -7.92
N ALA A 130 -2.52 -2.86 -8.84
CA ALA A 130 -1.19 -3.42 -8.71
C ALA A 130 -0.62 -3.00 -7.35
N PRO A 131 0.02 -3.93 -6.60
CA PRO A 131 0.66 -3.52 -5.35
C PRO A 131 1.75 -2.47 -5.59
N ALA A 132 1.75 -1.42 -4.78
CA ALA A 132 2.71 -0.33 -4.95
C ALA A 132 4.12 -0.79 -4.59
N ASP A 133 4.21 -1.71 -3.63
CA ASP A 133 5.48 -2.29 -3.20
C ASP A 133 5.54 -3.74 -3.67
N THR A 134 6.76 -4.22 -3.88
CA THR A 134 7.00 -5.63 -4.14
C THR A 134 6.49 -6.47 -2.97
N ILE A 135 5.71 -7.49 -3.28
CA ILE A 135 5.21 -8.42 -2.29
C ILE A 135 6.10 -9.64 -2.23
N LYS A 136 6.47 -10.04 -1.02
CA LYS A 136 7.24 -11.27 -0.79
C LYS A 136 6.48 -12.13 0.20
N ALA A 137 6.56 -13.45 -0.02
CA ALA A 137 6.07 -14.41 0.96
C ALA A 137 7.17 -14.70 1.95
N VAL A 138 6.79 -14.76 3.22
CA VAL A 138 7.75 -14.96 4.30
C VAL A 138 7.32 -16.07 5.25
N ASP A 139 8.30 -16.64 5.97
CA ASP A 139 7.98 -17.63 6.99
C ASP A 139 7.75 -16.91 8.33
N ALA A 140 7.49 -17.68 9.37
CA ALA A 140 7.11 -17.10 10.66
C ALA A 140 8.21 -16.28 11.33
N ASN A 141 9.45 -16.49 10.91
CA ASN A 141 10.59 -15.77 11.48
C ASN A 141 11.06 -14.65 10.58
N GLY A 142 10.30 -14.39 9.52
CA GLY A 142 10.62 -13.26 8.64
C GLY A 142 11.60 -13.54 7.52
N ALA A 143 11.90 -14.81 7.27
CA ALA A 143 12.73 -15.19 6.13
C ALA A 143 11.91 -15.27 4.86
N VAL A 144 12.43 -14.74 3.76
CA VAL A 144 11.73 -14.74 2.49
C VAL A 144 11.62 -16.17 1.93
N LEU A 145 10.41 -16.57 1.55
CA LEU A 145 10.18 -17.85 0.87
C LEU A 145 10.02 -17.71 -0.64
N GLY A 146 9.57 -16.55 -1.09
CA GLY A 146 9.40 -16.35 -2.52
C GLY A 146 8.96 -14.94 -2.80
N THR A 147 9.03 -14.57 -4.08
CA THR A 147 8.57 -13.29 -4.57
C THR A 147 7.61 -13.59 -5.70
N PRO A 148 6.30 -13.61 -5.41
CA PRO A 148 5.34 -13.93 -6.49
C PRO A 148 5.39 -12.92 -7.63
N GLU A 149 5.01 -13.36 -8.83
CA GLU A 149 5.03 -12.50 -10.02
C GLU A 149 4.11 -11.30 -9.79
N ARG A 150 4.68 -10.11 -9.80
CA ARG A 150 3.93 -8.90 -9.47
C ARG A 150 2.72 -8.69 -10.39
N ALA A 151 2.90 -8.96 -11.67
CA ALA A 151 1.81 -8.76 -12.64
C ALA A 151 0.55 -9.55 -12.28
N GLY A 152 0.70 -10.64 -11.53
CA GLY A 152 -0.43 -11.48 -11.19
C GLY A 152 -1.00 -11.25 -9.80
N LEU A 153 -0.58 -10.15 -9.17
CA LEU A 153 -1.13 -9.80 -7.83
C LEU A 153 -1.98 -8.56 -7.90
N ARG A 154 -2.99 -8.53 -7.03
CA ARG A 154 -3.79 -7.32 -6.85
C ARG A 154 -3.96 -7.04 -5.38
N ALA A 155 -3.77 -5.77 -5.00
CA ALA A 155 -4.14 -5.29 -3.68
C ALA A 155 -5.59 -4.84 -3.75
N VAL A 156 -6.46 -5.48 -2.99
CA VAL A 156 -7.89 -5.27 -3.18
C VAL A 156 -8.48 -4.27 -2.21
N GLN A 157 -9.61 -3.71 -2.60
CA GLN A 157 -10.24 -2.65 -1.83
C GLN A 157 -11.72 -2.98 -1.58
N THR A 158 -12.51 -1.98 -1.21
CA THR A 158 -13.97 -2.09 -1.19
C THR A 158 -14.53 -0.88 -1.94
N PRO A 159 -15.80 -0.92 -2.37
CA PRO A 159 -16.83 -1.91 -2.15
C PRO A 159 -16.52 -3.20 -2.87
N GLN A 160 -16.77 -4.32 -2.20
CA GLN A 160 -16.78 -5.64 -2.82
C GLN A 160 -18.22 -5.98 -3.10
N GLY A 161 -18.52 -6.32 -4.35
CA GLY A 161 -19.90 -6.51 -4.78
C GLY A 161 -20.23 -7.94 -5.13
N PHE A 162 -21.45 -8.34 -4.82
CA PHE A 162 -21.86 -9.75 -4.96
C PHE A 162 -23.31 -9.86 -5.33
N HIS A 163 -23.62 -10.92 -6.07
CA HIS A 163 -25.01 -11.35 -6.14
C HIS A 163 -25.41 -11.71 -4.71
N ALA A 164 -26.56 -11.20 -4.26
CA ALA A 164 -26.97 -11.33 -2.87
C ALA A 164 -27.02 -12.77 -2.38
N ASP A 165 -27.50 -13.69 -3.23
CA ASP A 165 -27.66 -15.08 -2.80
C ASP A 165 -26.32 -15.73 -2.55
N VAL A 166 -25.34 -15.39 -3.37
CA VAL A 166 -23.96 -15.85 -3.22
C VAL A 166 -23.36 -15.37 -1.89
N LEU A 167 -23.51 -14.08 -1.59
CA LEU A 167 -22.95 -13.56 -0.36
C LEU A 167 -23.61 -14.14 0.88
N ARG A 168 -24.94 -14.29 0.84
CA ARG A 168 -25.64 -14.92 1.96
C ARG A 168 -25.15 -16.36 2.19
N ARG A 169 -25.01 -17.13 1.12
CA ARG A 169 -24.52 -18.52 1.19
C ARG A 169 -23.12 -18.54 1.82
N ALA A 170 -22.28 -17.61 1.40
CA ALA A 170 -20.91 -17.54 1.87
C ALA A 170 -20.85 -17.22 3.35
N TYR A 171 -21.68 -16.28 3.80
CA TYR A 171 -21.70 -15.88 5.22
C TYR A 171 -22.33 -16.93 6.11
N ALA A 172 -23.23 -17.74 5.55
CA ALA A 172 -23.84 -18.83 6.32
C ALA A 172 -22.82 -19.93 6.64
N ARG A 173 -21.66 -19.88 5.98
CA ARG A 173 -20.58 -20.86 6.20
C ARG A 173 -19.40 -20.29 6.98
N ALA A 174 -19.49 -19.01 7.34
CA ALA A 174 -18.41 -18.32 8.08
C ALA A 174 -18.18 -18.97 9.44
N THR A 175 -16.91 -19.03 9.84
CA THR A 175 -16.52 -19.66 11.10
C THR A 175 -15.43 -18.85 11.82
N ALA A 176 -15.69 -18.55 13.10
CA ALA A 176 -14.71 -17.91 14.01
C ALA A 176 -14.32 -16.46 13.70
N GLY A 177 -14.42 -16.08 12.43
CA GLY A 177 -14.03 -14.73 11.99
C GLY A 177 -12.57 -14.65 11.60
N GLY A 178 -11.93 -13.55 11.96
CA GLY A 178 -10.54 -13.29 11.57
C GLY A 178 -10.43 -12.77 10.15
N VAL A 179 -11.35 -13.23 9.30
CA VAL A 179 -11.41 -12.82 7.89
C VAL A 179 -12.08 -11.45 7.79
N THR A 180 -11.42 -10.51 7.12
CA THR A 180 -11.99 -9.17 6.92
C THR A 180 -12.06 -8.83 5.43
N ASP A 181 -11.95 -9.89 4.63
CA ASP A 181 -12.13 -9.86 3.19
C ASP A 181 -13.34 -10.74 2.78
N ASP A 182 -14.40 -10.09 2.32
CA ASP A 182 -15.65 -10.77 2.02
C ASP A 182 -15.49 -11.74 0.87
N ALA A 183 -14.68 -11.37 -0.11
CA ALA A 183 -14.45 -12.21 -1.28
C ALA A 183 -13.87 -13.58 -0.90
N SER A 184 -13.04 -13.61 0.14
CA SER A 184 -12.48 -14.88 0.60
C SER A 184 -13.57 -15.88 0.99
N LEU A 185 -14.63 -15.41 1.63
CA LEU A 185 -15.76 -16.29 1.98
C LEU A 185 -16.48 -16.84 0.76
N VAL A 186 -16.61 -16.00 -0.26
CA VAL A 186 -17.26 -16.39 -1.50
C VAL A 186 -16.38 -17.35 -2.31
N GLU A 187 -15.07 -17.14 -2.25
CA GLU A 187 -14.11 -18.02 -2.92
C GLU A 187 -14.24 -19.43 -2.37
N GLN A 188 -14.53 -19.53 -1.08
CA GLN A 188 -14.68 -20.85 -0.47
C GLN A 188 -15.89 -21.65 -0.99
N LEU A 189 -16.84 -20.98 -1.67
CA LEU A 189 -17.94 -21.66 -2.40
C LEU A 189 -17.58 -22.07 -3.83
N GLY A 190 -16.41 -21.68 -4.29
CA GLY A 190 -16.03 -21.92 -5.67
C GLY A 190 -16.65 -20.96 -6.65
N THR A 191 -17.25 -19.88 -6.14
CA THR A 191 -17.78 -18.85 -7.02
C THR A 191 -16.61 -18.05 -7.60
N PRO A 192 -16.60 -17.81 -8.92
CA PRO A 192 -15.56 -16.97 -9.52
C PRO A 192 -15.63 -15.55 -8.96
N VAL A 193 -14.46 -14.97 -8.71
CA VAL A 193 -14.40 -13.59 -8.23
C VAL A 193 -13.61 -12.79 -9.24
N GLN A 194 -14.22 -11.74 -9.75
CA GLN A 194 -13.61 -10.92 -10.78
C GLN A 194 -13.03 -9.65 -10.21
N ILE A 195 -11.75 -9.40 -10.47
CA ILE A 195 -11.14 -8.14 -10.06
C ILE A 195 -11.42 -7.10 -11.16
N VAL A 196 -11.85 -5.91 -10.73
CA VAL A 196 -11.98 -4.73 -11.60
C VAL A 196 -11.00 -3.64 -11.11
N ASP A 197 -10.69 -2.66 -11.97
CA ASP A 197 -9.72 -1.64 -11.59
C ASP A 197 -10.22 -0.90 -10.36
N GLY A 198 -9.35 -0.72 -9.38
CA GLY A 198 -9.69 0.02 -8.17
C GLY A 198 -9.38 1.49 -8.32
N ASP A 199 -9.12 2.15 -7.21
CA ASP A 199 -8.85 3.58 -7.24
C ASP A 199 -7.93 3.91 -6.08
N PRO A 200 -6.82 4.59 -6.34
CA PRO A 200 -5.91 4.89 -5.23
C PRO A 200 -6.58 5.67 -4.09
N LEU A 201 -7.65 6.39 -4.38
CA LEU A 201 -8.35 7.16 -3.33
C LEU A 201 -9.26 6.34 -2.43
N ALA A 202 -9.41 5.06 -2.75
CA ALA A 202 -10.21 4.15 -1.91
C ALA A 202 -9.37 3.48 -0.81
N PHE A 203 -8.26 4.09 -0.44
CA PHE A 203 -7.41 3.53 0.63
C PHE A 203 -8.14 3.50 1.97
N LYS A 204 -7.76 2.53 2.81
CA LYS A 204 -8.39 2.41 4.10
C LYS A 204 -7.66 3.28 5.11
N ILE A 205 -8.40 4.18 5.76
CA ILE A 205 -7.82 5.00 6.81
C ILE A 205 -7.70 4.14 8.06
N THR A 206 -6.49 3.94 8.55
CA THR A 206 -6.25 3.03 9.66
C THR A 206 -5.47 3.72 10.80
N THR A 207 -4.46 4.52 10.43
CA THR A 207 -3.56 5.14 11.41
C THR A 207 -3.67 6.66 11.37
N PRO A 208 -3.08 7.36 12.37
CA PRO A 208 -3.04 8.81 12.29
C PRO A 208 -2.39 9.31 10.99
N LEU A 209 -1.34 8.63 10.48
CA LEU A 209 -0.74 9.03 9.21
C LEU A 209 -1.74 8.97 8.07
N ASP A 210 -2.56 7.92 8.04
CA ASP A 210 -3.55 7.81 6.98
C ASP A 210 -4.55 8.95 7.02
N LEU A 211 -4.90 9.41 8.21
CA LEU A 211 -5.79 10.54 8.35
C LEU A 211 -5.12 11.84 7.86
N VAL A 212 -3.82 11.99 8.14
CA VAL A 212 -3.08 13.13 7.59
C VAL A 212 -3.14 13.09 6.07
N LEU A 213 -2.98 11.90 5.50
CA LEU A 213 -3.04 11.73 4.06
C LEU A 213 -4.42 12.07 3.52
N ALA A 214 -5.46 11.57 4.20
CA ALA A 214 -6.83 11.84 3.76
C ALA A 214 -7.16 13.31 3.82
N GLU A 215 -6.74 13.99 4.90
CA GLU A 215 -6.94 15.44 5.00
C GLU A 215 -6.27 16.16 3.85
N ALA A 216 -5.09 15.69 3.47
CA ALA A 216 -4.36 16.28 2.36
C ALA A 216 -5.12 16.13 1.04
N VAL A 217 -5.68 14.95 0.81
CA VAL A 217 -6.44 14.67 -0.40
C VAL A 217 -7.64 15.62 -0.46
N LEU A 218 -8.38 15.71 0.64
CA LEU A 218 -9.57 16.53 0.70
C LEU A 218 -9.27 18.00 0.44
N ALA A 219 -8.16 18.49 1.01
CA ALA A 219 -7.73 19.88 0.86
C ALA A 219 -7.28 20.17 -0.57
N HIS A 220 -6.63 19.20 -1.20
CA HIS A 220 -6.13 19.33 -2.56
C HIS A 220 -7.26 19.30 -3.60
N HIS A 221 -8.35 18.61 -3.26
CA HIS A 221 -9.53 18.53 -4.12
C HIS A 221 -10.63 19.51 -3.69
N HIS A 222 -10.26 20.50 -2.88
CA HIS A 222 -11.19 21.52 -2.41
C HIS A 222 -11.13 22.77 -3.30
N ALA B 2 33.24 -0.92 5.89
CA ALA B 2 32.44 0.26 5.44
C ALA B 2 31.08 -0.15 4.88
N THR B 3 30.08 0.63 5.24
CA THR B 3 28.73 0.47 4.71
C THR B 3 28.49 1.57 3.68
N VAL B 4 28.21 1.16 2.45
CA VAL B 4 28.01 2.07 1.34
C VAL B 4 26.57 2.00 0.85
N ALA B 5 25.94 3.16 0.69
CA ALA B 5 24.60 3.22 0.08
C ALA B 5 24.75 3.53 -1.40
N VAL B 6 24.04 2.78 -2.22
CA VAL B 6 23.92 3.01 -3.65
C VAL B 6 22.53 3.54 -3.90
N VAL B 7 22.45 4.68 -4.56
CA VAL B 7 21.17 5.32 -4.80
C VAL B 7 20.95 5.45 -6.31
N PRO B 8 20.14 4.53 -6.90
CA PRO B 8 19.84 4.73 -8.32
C PRO B 8 18.85 5.92 -8.45
N ALA B 9 19.25 6.93 -9.21
CA ALA B 9 18.46 8.14 -9.35
C ALA B 9 18.50 8.60 -10.80
N ALA B 10 18.65 7.64 -11.70
CA ALA B 10 18.86 7.95 -13.11
C ALA B 10 17.58 7.82 -13.95
N GLY B 11 16.43 7.62 -13.29
CA GLY B 11 15.16 7.49 -13.99
C GLY B 11 14.51 8.80 -14.41
N SER B 12 13.57 8.69 -15.37
CA SER B 12 12.94 9.88 -15.96
C SER B 12 11.65 10.30 -15.26
N GLY B 13 11.10 9.42 -14.44
CA GLY B 13 9.84 9.69 -13.72
C GLY B 13 8.65 9.89 -14.65
N GLU B 14 8.46 8.96 -15.58
CA GLU B 14 7.34 8.97 -16.52
C GLU B 14 5.97 9.02 -15.84
N ARG B 15 5.81 8.30 -14.73
CA ARG B 15 4.52 8.21 -14.05
C ARG B 15 4.25 9.39 -13.12
N LEU B 16 5.28 10.19 -12.84
CA LEU B 16 5.12 11.42 -12.07
C LEU B 16 4.60 12.55 -12.96
N ARG B 17 4.82 12.42 -14.26
CA ARG B 17 4.28 13.31 -15.30
C ARG B 17 4.63 14.79 -15.07
N ALA B 18 5.88 15.03 -14.69
CA ALA B 18 6.38 16.39 -14.46
C ALA B 18 7.20 16.88 -15.65
N GLY B 19 7.62 15.95 -16.51
CA GLY B 19 8.43 16.28 -17.69
C GLY B 19 9.92 16.38 -17.43
N ARG B 20 10.33 16.01 -16.21
CA ARG B 20 11.74 16.08 -15.79
C ARG B 20 12.05 14.98 -14.75
N PRO B 21 13.31 14.48 -14.72
CA PRO B 21 13.68 13.33 -13.89
C PRO B 21 13.20 13.45 -12.44
N LYS B 22 12.58 12.38 -11.95
CA LYS B 22 11.85 12.39 -10.67
C LYS B 22 12.69 12.73 -9.43
N ALA B 23 13.92 12.25 -9.39
CA ALA B 23 14.77 12.45 -8.21
C ALA B 23 15.16 13.92 -8.02
N PHE B 24 14.88 14.73 -9.04
CA PHE B 24 15.27 16.14 -9.03
C PHE B 24 14.06 17.05 -8.92
N VAL B 25 12.87 16.44 -8.93
CA VAL B 25 11.62 17.13 -8.65
C VAL B 25 11.61 17.48 -7.18
N THR B 26 11.20 18.71 -6.87
CA THR B 26 11.27 19.23 -5.51
C THR B 26 10.13 18.74 -4.63
N LEU B 27 10.48 18.51 -3.38
CA LEU B 27 9.56 18.21 -2.30
C LEU B 27 9.93 19.16 -1.18
N GLY B 28 8.97 19.97 -0.75
CA GLY B 28 9.24 21.00 0.27
C GLY B 28 10.43 21.87 -0.08
N GLY B 29 10.53 22.24 -1.36
CA GLY B 29 11.60 23.11 -1.87
C GLY B 29 12.96 22.45 -2.06
N THR B 30 13.00 21.12 -2.05
CA THR B 30 14.23 20.35 -2.06
C THR B 30 14.01 19.06 -2.89
N PRO B 31 14.97 18.71 -3.79
CA PRO B 31 14.82 17.49 -4.60
C PRO B 31 14.68 16.22 -3.76
N LEU B 32 13.86 15.27 -4.22
CA LEU B 32 13.71 13.98 -3.54
C LEU B 32 15.06 13.39 -3.16
N LEU B 33 16.01 13.51 -4.08
CA LEU B 33 17.34 12.99 -3.83
C LEU B 33 17.94 13.54 -2.54
N GLU B 34 17.81 14.84 -2.33
CA GLU B 34 18.36 15.43 -1.11
C GLU B 34 17.69 14.93 0.16
N HIS B 35 16.38 14.66 0.10
CA HIS B 35 15.66 14.04 1.21
C HIS B 35 16.20 12.65 1.48
N ALA B 36 16.41 11.87 0.42
CA ALA B 36 16.91 10.52 0.58
C ALA B 36 18.32 10.51 1.17
N LEU B 37 19.17 11.43 0.70
CA LEU B 37 20.52 11.54 1.23
C LEU B 37 20.52 11.97 2.70
N SER B 38 19.60 12.88 3.04
CA SER B 38 19.48 13.38 4.40
C SER B 38 19.13 12.25 5.36
N GLY B 39 18.19 11.38 4.94
CA GLY B 39 17.82 10.21 5.74
C GLY B 39 18.98 9.26 5.96
N LEU B 40 19.72 8.99 4.88
CA LEU B 40 20.90 8.14 4.97
C LEU B 40 21.93 8.69 5.94
N ARG B 41 22.15 10.00 5.87
CA ARG B 41 23.14 10.62 6.76
C ARG B 41 22.67 10.67 8.21
N ALA B 42 21.38 10.94 8.41
CA ALA B 42 20.81 11.00 9.76
C ALA B 42 20.91 9.66 10.49
N SER B 43 20.82 8.55 9.75
CA SER B 43 20.90 7.23 10.35
C SER B 43 22.18 7.00 11.15
N GLY B 44 23.25 7.69 10.72
CA GLY B 44 24.57 7.57 11.34
C GLY B 44 25.24 6.21 11.13
N VAL B 45 24.73 5.43 10.17
CA VAL B 45 25.27 4.09 9.89
C VAL B 45 25.80 3.95 8.46
N ILE B 46 25.75 5.03 7.69
CA ILE B 46 26.20 5.01 6.29
C ILE B 46 27.51 5.78 6.14
N ASP B 47 28.56 5.07 5.73
CA ASP B 47 29.91 5.65 5.58
C ASP B 47 30.07 6.48 4.32
N ARG B 48 29.59 5.95 3.20
CA ARG B 48 29.58 6.73 1.95
C ARG B 48 28.41 6.35 1.05
N ILE B 49 28.18 7.19 0.05
CA ILE B 49 27.03 7.09 -0.83
C ILE B 49 27.51 7.19 -2.27
N VAL B 50 26.98 6.34 -3.13
CA VAL B 50 27.20 6.47 -4.57
C VAL B 50 25.84 6.71 -5.21
N ILE B 51 25.72 7.78 -5.98
CA ILE B 51 24.46 8.13 -6.65
C ILE B 51 24.64 8.01 -8.15
N ALA B 52 23.75 7.26 -8.81
CA ALA B 52 23.72 7.21 -10.26
C ALA B 52 22.66 8.19 -10.75
N VAL B 53 23.03 9.04 -11.72
CA VAL B 53 22.12 10.04 -12.26
C VAL B 53 22.09 9.97 -13.78
N PRO B 54 21.08 10.60 -14.43
CA PRO B 54 21.06 10.58 -15.89
C PRO B 54 22.37 11.18 -16.42
N PRO B 55 22.96 10.57 -17.47
CA PRO B 55 24.22 11.05 -18.04
C PRO B 55 24.29 12.56 -18.27
N ALA B 56 23.17 13.15 -18.72
CA ALA B 56 23.09 14.59 -18.99
C ALA B 56 23.35 15.44 -17.75
N LEU B 57 22.89 14.94 -16.60
CA LEU B 57 22.91 15.70 -15.34
C LEU B 57 24.08 15.33 -14.43
N THR B 58 25.01 14.51 -14.94
CA THR B 58 26.16 14.05 -14.16
C THR B 58 27.04 15.20 -13.66
N ASP B 59 27.36 16.15 -14.54
CA ASP B 59 28.19 17.31 -14.19
C ASP B 59 27.52 18.23 -13.16
N GLU B 60 26.28 18.60 -13.43
CA GLU B 60 25.47 19.41 -12.51
C GLU B 60 25.32 18.72 -11.16
N SER B 61 25.12 17.40 -11.19
CA SER B 61 24.87 16.61 -9.98
C SER B 61 26.09 16.52 -9.08
N LYS B 62 27.26 16.42 -9.69
CA LYS B 62 28.51 16.42 -8.94
C LYS B 62 28.68 17.72 -8.15
N LEU B 63 28.20 18.82 -8.72
CA LEU B 63 28.27 20.13 -8.06
C LEU B 63 27.25 20.26 -6.93
N VAL B 64 26.03 19.80 -7.16
CA VAL B 64 24.95 19.88 -6.18
C VAL B 64 25.07 18.85 -5.05
N PHE B 65 25.44 17.61 -5.41
CA PHE B 65 25.40 16.48 -4.45
C PHE B 65 26.75 15.86 -4.13
N GLY B 66 27.76 16.15 -4.95
CA GLY B 66 29.10 15.64 -4.72
C GLY B 66 29.61 16.07 -3.36
N GLY B 67 30.30 15.17 -2.69
CA GLY B 67 30.77 15.43 -1.34
C GLY B 67 31.88 14.52 -0.89
N GLU B 68 32.39 14.79 0.31
CA GLU B 68 33.43 13.97 0.92
C GLU B 68 32.92 12.54 1.12
N ASP B 69 31.61 12.37 1.30
CA ASP B 69 31.02 11.05 1.48
C ASP B 69 30.08 10.64 0.34
N SER B 70 30.08 11.38 -0.76
CA SER B 70 29.18 11.06 -1.87
C SER B 70 29.85 11.19 -3.23
N VAL B 71 29.70 10.14 -4.03
CA VAL B 71 30.27 10.06 -5.37
C VAL B 71 29.13 9.98 -6.37
N ILE B 72 29.19 10.77 -7.43
CA ILE B 72 28.19 10.76 -8.49
C ILE B 72 28.74 10.03 -9.70
N VAL B 73 27.95 9.11 -10.26
CA VAL B 73 28.27 8.45 -11.52
C VAL B 73 27.11 8.55 -12.50
N SER B 74 27.42 8.41 -13.79
CA SER B 74 26.40 8.33 -14.82
C SER B 74 25.69 6.98 -14.72
N GLY B 75 24.36 7.02 -14.74
CA GLY B 75 23.52 5.83 -14.62
C GLY B 75 23.26 5.21 -15.99
N GLY B 76 22.33 4.27 -16.02
CA GLY B 76 22.05 3.52 -17.25
C GLY B 76 20.65 3.67 -17.77
N VAL B 77 20.32 2.88 -18.80
N VAL B 77 20.32 2.89 -18.79
CA VAL B 77 19.01 2.94 -19.44
CA VAL B 77 19.00 2.96 -19.44
C VAL B 77 17.88 2.37 -18.57
C VAL B 77 17.88 2.40 -18.55
N ASP B 78 18.24 1.51 -17.62
CA ASP B 78 17.28 0.96 -16.66
C ASP B 78 17.95 0.89 -15.28
N ARG B 79 17.15 0.67 -14.24
CA ARG B 79 17.64 0.68 -12.87
C ARG B 79 18.78 -0.31 -12.63
N THR B 80 18.65 -1.51 -13.19
CA THR B 80 19.66 -2.55 -13.04
C THR B 80 21.04 -2.10 -13.51
N GLU B 81 21.09 -1.47 -14.68
CA GLU B 81 22.33 -0.92 -15.19
C GLU B 81 22.87 0.19 -14.29
N SER B 82 21.96 1.05 -13.82
CA SER B 82 22.32 2.16 -12.90
C SER B 82 22.97 1.62 -11.63
N VAL B 83 22.40 0.57 -11.04
CA VAL B 83 22.99 -0.04 -9.85
C VAL B 83 24.35 -0.67 -10.15
N ALA B 84 24.45 -1.38 -11.28
CA ALA B 84 25.71 -1.98 -11.68
C ALA B 84 26.78 -0.90 -11.85
N LEU B 85 26.42 0.21 -12.49
CA LEU B 85 27.38 1.31 -12.67
C LEU B 85 27.79 1.95 -11.34
N ALA B 86 26.85 2.06 -10.41
CA ALA B 86 27.15 2.61 -9.09
C ALA B 86 28.03 1.66 -8.30
N LEU B 87 27.81 0.35 -8.42
CA LEU B 87 28.67 -0.62 -7.75
C LEU B 87 30.15 -0.53 -8.14
N GLU B 88 30.40 -0.10 -9.37
CA GLU B 88 31.77 0.13 -9.86
C GLU B 88 32.52 1.15 -8.99
N ALA B 89 31.76 2.08 -8.41
CA ALA B 89 32.32 3.18 -7.64
C ALA B 89 32.19 3.02 -6.12
N ALA B 90 31.69 1.87 -5.67
CA ALA B 90 31.44 1.65 -4.24
C ALA B 90 32.71 1.46 -3.41
N GLY B 91 33.81 1.05 -4.04
CA GLY B 91 35.07 0.82 -3.33
C GLY B 91 35.01 -0.48 -2.54
N ASP B 92 35.88 -0.62 -1.55
CA ASP B 92 35.86 -1.85 -0.76
C ASP B 92 34.85 -1.74 0.38
N ALA B 93 33.62 -2.07 0.06
CA ALA B 93 32.53 -2.03 1.00
C ALA B 93 32.37 -3.40 1.62
N GLU B 94 32.04 -3.42 2.91
CA GLU B 94 31.60 -4.66 3.56
C GLU B 94 30.12 -4.89 3.27
N PHE B 95 29.34 -3.83 3.35
CA PHE B 95 27.89 -3.90 3.15
C PHE B 95 27.48 -2.88 2.10
N VAL B 96 26.52 -3.25 1.28
CA VAL B 96 25.95 -2.32 0.32
C VAL B 96 24.44 -2.23 0.54
N LEU B 97 23.94 -1.02 0.64
CA LEU B 97 22.49 -0.77 0.75
C LEU B 97 22.04 -0.11 -0.50
N VAL B 98 21.07 -0.71 -1.18
CA VAL B 98 20.54 -0.11 -2.40
C VAL B 98 19.22 0.58 -2.06
N HIS B 99 19.14 1.89 -2.31
CA HIS B 99 18.04 2.70 -1.80
C HIS B 99 17.42 3.54 -2.92
N ASP B 100 16.12 3.44 -3.06
CA ASP B 100 15.41 4.23 -4.08
C ASP B 100 15.22 5.67 -3.60
N ALA B 101 15.75 6.62 -4.37
CA ALA B 101 15.60 8.04 -4.06
C ALA B 101 14.13 8.44 -3.93
N ALA B 102 13.24 7.73 -4.62
CA ALA B 102 11.81 8.03 -4.60
C ALA B 102 11.15 7.80 -3.24
N ARG B 103 11.77 6.96 -2.40
CA ARG B 103 11.29 6.74 -1.02
C ARG B 103 11.91 7.84 -0.15
N ALA B 104 11.54 9.08 -0.47
CA ALA B 104 12.20 10.27 0.07
C ALA B 104 12.09 10.45 1.58
N LEU B 105 11.01 9.95 2.17
CA LEU B 105 10.73 10.18 3.59
C LEU B 105 11.05 8.94 4.43
N THR B 106 11.81 8.02 3.85
CA THR B 106 12.30 6.85 4.59
C THR B 106 12.92 7.28 5.94
N PRO B 107 12.40 6.76 7.08
CA PRO B 107 12.97 7.16 8.37
C PRO B 107 14.37 6.64 8.62
N PRO B 108 15.21 7.45 9.27
CA PRO B 108 16.55 6.96 9.56
C PRO B 108 16.60 5.70 10.42
N ALA B 109 15.63 5.50 11.33
CA ALA B 109 15.63 4.28 12.15
C ALA B 109 15.47 3.02 11.30
N LEU B 110 14.72 3.14 10.20
CA LEU B 110 14.54 2.01 9.29
C LEU B 110 15.89 1.64 8.64
N ILE B 111 16.60 2.66 8.16
CA ILE B 111 17.93 2.47 7.58
C ILE B 111 18.87 1.78 8.58
N ALA B 112 18.85 2.25 9.83
CA ALA B 112 19.67 1.64 10.87
C ALA B 112 19.29 0.19 11.18
N ARG B 113 17.99 -0.15 11.12
CA ARG B 113 17.58 -1.55 11.30
C ARG B 113 18.17 -2.47 10.26
N VAL B 114 18.21 -2.01 9.02
CA VAL B 114 18.76 -2.81 7.95
C VAL B 114 20.26 -3.10 8.18
N VAL B 115 21.00 -2.05 8.50
CA VAL B 115 22.43 -2.20 8.76
C VAL B 115 22.67 -3.09 9.98
N ALA B 116 21.88 -2.90 11.04
CA ALA B 116 22.04 -3.69 12.26
C ALA B 116 21.86 -5.18 11.99
N ALA B 117 20.87 -5.53 11.15
CA ALA B 117 20.62 -6.93 10.86
C ALA B 117 21.75 -7.54 10.02
N LEU B 118 22.32 -6.75 9.11
CA LEU B 118 23.49 -7.21 8.37
C LEU B 118 24.67 -7.51 9.29
N LYS B 119 24.87 -6.65 10.27
CA LYS B 119 25.95 -6.84 11.25
C LYS B 119 25.71 -8.04 12.19
N GLU B 120 24.44 -8.42 12.37
CA GLU B 120 24.10 -9.65 13.10
C GLU B 120 24.54 -10.89 12.33
N GLY B 121 24.70 -10.75 11.01
CA GLY B 121 25.19 -11.82 10.15
C GLY B 121 24.28 -12.25 9.01
N HIS B 122 23.11 -11.61 8.88
CA HIS B 122 22.26 -11.85 7.73
C HIS B 122 22.94 -11.31 6.47
N SER B 123 22.92 -12.09 5.38
CA SER B 123 23.57 -11.74 4.12
C SER B 123 22.77 -10.75 3.29
N ALA B 124 21.46 -10.74 3.52
CA ALA B 124 20.55 -9.93 2.73
C ALA B 124 19.37 -9.58 3.62
N VAL B 125 19.05 -8.29 3.68
CA VAL B 125 18.06 -7.74 4.61
C VAL B 125 17.19 -6.72 3.89
N VAL B 126 15.88 -6.85 4.07
CA VAL B 126 14.93 -5.96 3.40
C VAL B 126 13.91 -5.47 4.43
N PRO B 127 13.55 -4.20 4.40
CA PRO B 127 12.48 -3.70 5.26
C PRO B 127 11.13 -4.04 4.67
N GLY B 128 10.18 -4.40 5.52
CA GLY B 128 8.85 -4.69 5.01
C GLY B 128 7.81 -4.62 6.09
N LEU B 129 6.56 -4.56 5.64
CA LEU B 129 5.38 -4.52 6.52
C LEU B 129 4.29 -5.37 5.92
N ALA B 130 3.36 -5.85 6.75
CA ALA B 130 2.20 -6.54 6.24
C ALA B 130 1.48 -5.60 5.28
N PRO B 131 0.98 -6.13 4.16
CA PRO B 131 0.29 -5.26 3.20
C PRO B 131 -0.97 -4.65 3.84
N ALA B 132 -1.22 -3.38 3.53
CA ALA B 132 -2.37 -2.70 4.13
C ALA B 132 -3.68 -3.25 3.55
N ASP B 133 -3.62 -3.69 2.29
CA ASP B 133 -4.77 -4.29 1.62
C ASP B 133 -4.56 -5.80 1.52
N THR B 134 -5.64 -6.56 1.47
CA THR B 134 -5.56 -7.98 1.14
C THR B 134 -5.01 -8.15 -0.28
N ILE B 135 -4.08 -9.09 -0.42
CA ILE B 135 -3.48 -9.42 -1.71
C ILE B 135 -4.15 -10.66 -2.27
N LYS B 136 -4.55 -10.58 -3.53
CA LYS B 136 -5.06 -11.76 -4.25
C LYS B 136 -4.19 -12.06 -5.46
N ALA B 137 -4.05 -13.36 -5.76
CA ALA B 137 -3.42 -13.81 -6.99
C ALA B 137 -4.49 -13.90 -8.06
N VAL B 138 -4.22 -13.39 -9.26
CA VAL B 138 -5.21 -13.42 -10.33
C VAL B 138 -4.68 -14.09 -11.60
N ASP B 139 -5.59 -14.60 -12.43
CA ASP B 139 -5.19 -15.14 -13.74
C ASP B 139 -5.10 -14.02 -14.78
N ALA B 140 -4.95 -14.38 -16.05
CA ALA B 140 -4.81 -13.40 -17.13
C ALA B 140 -6.05 -12.50 -17.31
N ASN B 141 -7.23 -13.04 -16.99
CA ASN B 141 -8.48 -12.27 -17.13
C ASN B 141 -8.86 -11.47 -15.87
N GLY B 142 -8.00 -11.52 -14.86
CA GLY B 142 -8.28 -10.84 -13.59
C GLY B 142 -9.19 -11.62 -12.66
N ALA B 143 -9.40 -12.90 -12.93
CA ALA B 143 -10.16 -13.74 -12.02
C ALA B 143 -9.26 -14.22 -10.90
N VAL B 144 -9.80 -14.27 -9.68
CA VAL B 144 -9.04 -14.70 -8.51
C VAL B 144 -8.63 -16.17 -8.59
N LEU B 145 -7.34 -16.41 -8.44
CA LEU B 145 -6.78 -17.77 -8.32
C LEU B 145 -6.68 -18.20 -6.88
N GLY B 146 -6.47 -17.25 -5.98
CA GLY B 146 -6.39 -17.54 -4.57
C GLY B 146 -6.07 -16.31 -3.76
N THR B 147 -6.24 -16.44 -2.46
CA THR B 147 -5.93 -15.38 -1.53
C THR B 147 -4.89 -15.90 -0.55
N PRO B 148 -3.61 -15.56 -0.79
CA PRO B 148 -2.59 -15.99 0.15
C PRO B 148 -2.86 -15.45 1.54
N GLU B 149 -2.40 -16.15 2.56
CA GLU B 149 -2.53 -15.68 3.93
C GLU B 149 -1.79 -14.35 4.07
N ARG B 150 -2.55 -13.28 4.32
CA ARG B 150 -1.99 -11.91 4.38
C ARG B 150 -0.85 -11.80 5.39
N ALA B 151 -0.97 -12.52 6.51
CA ALA B 151 0.05 -12.55 7.58
C ALA B 151 1.41 -13.10 7.14
N GLY B 152 1.41 -13.87 6.05
CA GLY B 152 2.62 -14.48 5.50
C GLY B 152 3.18 -13.69 4.32
N LEU B 153 2.68 -12.47 4.13
CA LEU B 153 3.14 -11.59 3.06
C LEU B 153 3.76 -10.33 3.65
N ARG B 154 4.76 -9.82 2.96
CA ARG B 154 5.28 -8.50 3.30
C ARG B 154 5.38 -7.64 2.06
N ALA B 155 4.95 -6.39 2.20
CA ALA B 155 5.17 -5.36 1.19
C ALA B 155 6.51 -4.74 1.53
N VAL B 156 7.47 -4.91 0.64
CA VAL B 156 8.86 -4.54 0.96
C VAL B 156 9.25 -3.16 0.47
N GLN B 157 10.26 -2.60 1.10
CA GLN B 157 10.68 -1.23 0.83
C GLN B 157 12.18 -1.20 0.57
N THR B 158 12.79 -0.03 0.70
CA THR B 158 14.26 0.11 0.62
C THR B 158 14.68 1.01 1.77
N PRO B 159 15.98 1.04 2.12
CA PRO B 159 17.11 0.36 1.49
C PRO B 159 17.07 -1.16 1.65
N GLN B 160 17.50 -1.86 0.61
CA GLN B 160 17.75 -3.29 0.72
C GLN B 160 19.23 -3.45 0.94
N GLY B 161 19.60 -4.18 2.00
CA GLY B 161 20.98 -4.31 2.45
C GLY B 161 21.60 -5.66 2.18
N PHE B 162 22.88 -5.69 1.80
CA PHE B 162 23.54 -6.92 1.43
C PHE B 162 24.98 -6.96 1.90
N HIS B 163 25.46 -8.17 2.20
CA HIS B 163 26.91 -8.39 2.19
C HIS B 163 27.37 -8.09 0.76
N ALA B 164 28.41 -7.26 0.65
CA ALA B 164 28.85 -6.74 -0.63
C ALA B 164 29.20 -7.81 -1.66
N ASP B 165 29.90 -8.87 -1.22
CA ASP B 165 30.30 -9.91 -2.14
C ASP B 165 29.11 -10.66 -2.74
N VAL B 166 28.07 -10.88 -1.93
CA VAL B 166 26.86 -11.58 -2.38
C VAL B 166 26.13 -10.75 -3.44
N LEU B 167 26.01 -9.45 -3.18
CA LEU B 167 25.37 -8.56 -4.13
C LEU B 167 26.15 -8.42 -5.44
N ARG B 168 27.48 -8.29 -5.32
CA ARG B 168 28.33 -8.17 -6.49
C ARG B 168 28.25 -9.42 -7.39
N ARG B 169 28.29 -10.61 -6.78
CA ARG B 169 28.14 -11.85 -7.56
C ARG B 169 26.79 -11.94 -8.26
N ALA B 170 25.73 -11.45 -7.62
CA ALA B 170 24.41 -11.45 -8.22
C ALA B 170 24.32 -10.46 -9.37
N TYR B 171 24.88 -9.27 -9.17
CA TYR B 171 24.82 -8.25 -10.23
C TYR B 171 25.62 -8.62 -11.48
N ALA B 172 26.66 -9.42 -11.28
CA ALA B 172 27.46 -9.96 -12.39
C ALA B 172 26.64 -10.74 -13.42
N ARG B 173 25.54 -11.36 -12.99
CA ARG B 173 24.66 -12.12 -13.90
C ARG B 173 23.23 -11.58 -14.02
N ALA B 174 23.04 -10.33 -13.63
CA ALA B 174 21.73 -9.67 -13.72
C ALA B 174 21.30 -9.46 -15.18
N THR B 175 19.99 -9.55 -15.42
CA THR B 175 19.41 -9.27 -16.73
C THR B 175 18.88 -7.83 -16.76
N ALA B 176 19.24 -7.10 -17.80
CA ALA B 176 18.80 -5.72 -17.96
C ALA B 176 17.32 -5.64 -18.35
N GLY B 177 16.53 -5.00 -17.49
CA GLY B 177 15.11 -4.77 -17.76
C GLY B 177 14.18 -5.59 -16.89
N GLY B 178 13.27 -4.91 -16.21
CA GLY B 178 12.23 -5.56 -15.39
C GLY B 178 12.62 -5.75 -13.93
N VAL B 179 13.90 -5.97 -13.68
CA VAL B 179 14.41 -6.26 -12.33
C VAL B 179 14.67 -4.99 -11.54
N THR B 180 13.77 -4.67 -10.61
CA THR B 180 13.90 -3.46 -9.80
C THR B 180 13.79 -3.73 -8.29
N ASP B 181 13.74 -5.02 -7.93
CA ASP B 181 13.90 -5.50 -6.56
C ASP B 181 15.22 -6.29 -6.43
N ASP B 182 16.16 -5.68 -5.72
CA ASP B 182 17.51 -6.21 -5.60
C ASP B 182 17.52 -7.55 -4.87
N ALA B 183 16.65 -7.70 -3.87
CA ALA B 183 16.56 -8.95 -3.13
C ALA B 183 16.20 -10.10 -4.06
N SER B 184 15.27 -9.86 -5.00
CA SER B 184 14.90 -10.87 -5.98
C SER B 184 16.10 -11.43 -6.72
N LEU B 185 17.04 -10.57 -7.07
CA LEU B 185 18.26 -11.03 -7.75
C LEU B 185 19.04 -12.03 -6.91
N VAL B 186 19.23 -11.69 -5.64
CA VAL B 186 19.93 -12.53 -4.69
C VAL B 186 19.14 -13.82 -4.42
N GLU B 187 17.82 -13.72 -4.41
CA GLU B 187 16.96 -14.89 -4.18
C GLU B 187 17.10 -15.97 -5.25
N GLN B 188 17.57 -15.61 -6.44
CA GLN B 188 17.63 -16.57 -7.54
C GLN B 188 18.46 -17.79 -7.16
N LEU B 189 19.45 -17.55 -6.31
CA LEU B 189 20.35 -18.60 -5.85
C LEU B 189 19.89 -19.26 -4.55
N GLY B 190 18.76 -18.80 -4.02
CA GLY B 190 18.28 -19.28 -2.74
C GLY B 190 18.99 -18.69 -1.53
N THR B 191 19.74 -17.60 -1.73
CA THR B 191 20.36 -16.90 -0.62
C THR B 191 19.25 -16.44 0.33
N PRO B 192 19.37 -16.72 1.63
CA PRO B 192 18.36 -16.27 2.59
C PRO B 192 18.25 -14.75 2.60
N VAL B 193 17.02 -14.25 2.70
CA VAL B 193 16.74 -12.83 2.83
C VAL B 193 15.88 -12.65 4.07
N GLN B 194 16.29 -11.75 4.94
CA GLN B 194 15.60 -11.50 6.20
C GLN B 194 14.83 -10.19 6.17
N ILE B 195 13.55 -10.23 6.55
CA ILE B 195 12.76 -9.02 6.67
C ILE B 195 12.95 -8.39 8.05
N VAL B 196 13.18 -7.08 8.04
CA VAL B 196 13.11 -6.27 9.27
C VAL B 196 11.95 -5.30 9.12
N ASP B 197 11.48 -4.73 10.23
CA ASP B 197 10.31 -3.87 10.17
C ASP B 197 10.58 -2.66 9.27
N GLY B 198 9.66 -2.44 8.34
CA GLY B 198 9.68 -1.24 7.51
C GLY B 198 8.98 -0.10 8.24
N ASP B 199 8.41 0.83 7.47
CA ASP B 199 7.73 1.98 8.07
C ASP B 199 6.84 2.57 6.99
N PRO B 200 5.57 2.88 7.33
CA PRO B 200 4.68 3.44 6.30
C PRO B 200 5.19 4.73 5.66
N LEU B 201 6.08 5.45 6.35
CA LEU B 201 6.65 6.67 5.82
C LEU B 201 7.59 6.46 4.64
N ALA B 202 8.06 5.23 4.46
CA ALA B 202 9.05 4.92 3.41
C ALA B 202 8.37 4.61 2.07
N PHE B 203 7.20 5.20 1.82
CA PHE B 203 6.49 4.93 0.58
C PHE B 203 7.22 5.50 -0.65
N LYS B 204 7.06 4.84 -1.80
CA LYS B 204 7.72 5.28 -3.01
C LYS B 204 6.87 6.35 -3.68
N ILE B 205 7.44 7.53 -3.86
CA ILE B 205 6.75 8.60 -4.57
C ILE B 205 6.80 8.27 -6.06
N THR B 206 5.63 8.06 -6.66
CA THR B 206 5.54 7.60 -8.04
C THR B 206 4.62 8.50 -8.87
N THR B 207 3.44 8.78 -8.33
CA THR B 207 2.40 9.53 -9.02
C THR B 207 2.32 10.98 -8.51
N PRO B 208 1.64 11.86 -9.28
CA PRO B 208 1.35 13.20 -8.77
C PRO B 208 0.68 13.18 -7.40
N LEU B 209 -0.22 12.22 -7.17
CA LEU B 209 -0.89 12.07 -5.87
C LEU B 209 0.13 11.82 -4.77
N ASP B 210 1.06 10.89 -5.01
CA ASP B 210 2.07 10.54 -4.01
C ASP B 210 2.85 11.78 -3.56
N LEU B 211 3.13 12.69 -4.50
CA LEU B 211 3.91 13.88 -4.21
C LEU B 211 3.10 14.85 -3.35
N VAL B 212 1.82 14.99 -3.65
CA VAL B 212 0.88 15.74 -2.82
C VAL B 212 0.88 15.19 -1.38
N LEU B 213 0.82 13.87 -1.27
CA LEU B 213 0.86 13.21 0.04
C LEU B 213 2.18 13.45 0.76
N ALA B 214 3.29 13.37 0.01
CA ALA B 214 4.61 13.58 0.63
C ALA B 214 4.75 15.01 1.16
N GLU B 215 4.26 15.98 0.41
CA GLU B 215 4.29 17.38 0.88
C GLU B 215 3.50 17.53 2.19
N ALA B 216 2.37 16.83 2.28
CA ALA B 216 1.52 16.89 3.46
C ALA B 216 2.17 16.24 4.66
N VAL B 217 2.91 15.14 4.43
CA VAL B 217 3.62 14.46 5.52
C VAL B 217 4.71 15.38 6.05
N LEU B 218 5.45 15.99 5.14
CA LEU B 218 6.54 16.87 5.50
C LEU B 218 6.02 18.05 6.33
N ALA B 219 4.93 18.67 5.88
CA ALA B 219 4.26 19.74 6.61
C ALA B 219 3.77 19.27 8.00
N HIS B 220 3.12 18.11 8.06
CA HIS B 220 2.65 17.54 9.33
C HIS B 220 3.75 17.37 10.37
N HIS B 221 4.92 16.90 9.95
CA HIS B 221 5.98 16.61 10.90
C HIS B 221 6.86 17.82 11.21
N HIS B 222 6.62 18.93 10.52
CA HIS B 222 7.34 20.17 10.76
C HIS B 222 6.51 21.13 11.63
N HIS B 223 6.84 21.22 12.91
CA HIS B 223 6.11 22.10 13.83
C HIS B 223 6.75 23.49 13.90
MG MG C . -10.08 -3.73 12.93
N1 CTP D . -15.64 -3.16 11.59
C2 CTP D . -16.93 -3.50 12.04
N3 CTP D . -17.08 -4.25 13.13
C4 CTP D . -15.99 -4.66 13.82
C5 CTP D . -14.70 -4.34 13.40
C6 CTP D . -14.55 -3.59 12.25
O2 CTP D . -17.93 -3.11 11.42
N4 CTP D . -16.14 -5.38 14.97
C1' CTP D . -15.51 -2.31 10.41
C2' CTP D . -14.82 -1.00 10.80
O2' CTP D . -15.63 -0.02 11.45
C3' CTP D . -14.19 -0.53 9.50
C4' CTP D . -13.98 -1.83 8.71
O4' CTP D . -14.68 -2.86 9.42
O3' CTP D . -15.03 0.40 8.76
C5' CTP D . -12.53 -2.28 8.62
O5' CTP D . -12.04 -2.44 9.97
PA CTP D . -10.74 -1.66 10.47
O1A CTP D . -9.87 -2.66 11.17
O2A CTP D . -10.16 -0.77 9.41
O3A CTP D . -11.40 -0.69 11.58
PB CTP D . -11.36 -0.86 13.19
O1B CTP D . -11.52 -2.31 13.48
O2B CTP D . -12.33 0.15 13.71
O3B CTP D . -9.85 -0.36 13.52
PG CTP D . -8.80 -1.17 14.45
O1G CTP D . -8.64 -2.53 13.80
O2G CTP D . -9.41 -1.17 15.83
O3G CTP D . -7.59 -0.29 14.30
MG MG E . 10.75 3.28 -13.36
N1 CTP F . 16.15 4.55 -11.62
C2 CTP F . 17.49 4.62 -12.09
N3 CTP F . 17.78 4.41 -13.38
C4 CTP F . 16.79 4.15 -14.26
C5 CTP F . 15.45 4.06 -13.82
C6 CTP F . 15.15 4.28 -12.48
O2 CTP F . 18.43 4.87 -11.33
N4 CTP F . 17.11 3.94 -15.55
C1' CTP F . 15.86 4.81 -10.20
C2' CTP F . 14.90 5.99 -10.08
O2' CTP F . 15.58 7.26 -10.21
C3' CTP F . 14.21 5.80 -8.74
C4' CTP F . 14.34 4.30 -8.49
O4' CTP F . 15.19 3.76 -9.51
O3' CTP F . 14.87 6.56 -7.72
C5' CTP F . 12.98 3.61 -8.59
O5' CTP F . 12.48 3.77 -9.93
PA CTP F . 11.04 4.41 -10.23
O1A CTP F . 10.38 3.54 -11.29
O2A CTP F . 10.32 4.77 -8.95
O3A CTP F . 11.50 5.82 -10.86
PB CTP F . 11.45 6.20 -12.42
O1B CTP F . 11.89 4.99 -13.24
O2B CTP F . 12.19 7.51 -12.55
O3B CTP F . 9.88 6.47 -12.67
PG CTP F . 9.02 5.88 -13.91
O1G CTP F . 9.16 4.38 -13.84
O2G CTP F . 9.62 6.54 -15.13
O3G CTP F . 7.61 6.34 -13.56
#